data_3R2Q
#
_entry.id   3R2Q
#
_cell.length_a   111.340
_cell.length_b   111.340
_cell.length_c   111.340
_cell.angle_alpha   90.00
_cell.angle_beta   90.00
_cell.angle_gamma   90.00
#
_symmetry.space_group_name_H-M   'P 43 3 2'
#
loop_
_entity.id
_entity.type
_entity.pdbx_description
1 polymer 'Uncharacterized GST-like protein yibF'
2 non-polymer GLUTATHIONE
3 non-polymer 'PHOSPHATE ION'
4 non-polymer 1,2-ETHANEDIOL
5 water water
#
_entity_poly.entity_id   1
_entity_poly.type   'polypeptide(L)'
_entity_poly.pdbx_seq_one_letter_code
;MKLVGSYTSPFVRKLSILLLEKGITFEFINELPYNADNGVAQFNPLGKVPVLVTEEGECWFDSPIIAEYIELMNVAPAML
PRDPLESLRVRKIEALADGIMDAGLVSVREQARPAAQQSEDELLRQREKINRSLDVLEGYLVDGTLKTDTVNLATIAIAC
AVGYLNFRRVAPGW(CSX)VDRPHLVKLVENLFSRESFARTEPPKA
;
_entity_poly.pdbx_strand_id   A
#
# COMPACT_ATOMS: atom_id res chain seq x y z
N MET A 1 3.03 -11.16 17.58
CA MET A 1 2.99 -9.91 16.90
C MET A 1 1.54 -9.60 16.53
N LYS A 2 1.19 -8.32 16.63
CA LYS A 2 -0.12 -7.84 16.20
C LYS A 2 0.04 -6.88 15.04
N LEU A 3 -0.80 -7.00 14.05
CA LEU A 3 -0.92 -6.01 12.98
C LEU A 3 -2.27 -5.30 13.18
N VAL A 4 -2.20 -4.02 13.48
CA VAL A 4 -3.37 -3.19 13.70
C VAL A 4 -3.72 -2.55 12.36
N GLY A 5 -4.92 -2.77 11.87
CA GLY A 5 -5.24 -2.35 10.51
C GLY A 5 -6.71 -2.28 10.24
N SER A 6 -7.05 -1.97 9.02
CA SER A 6 -8.39 -2.07 8.50
C SER A 6 -8.37 -3.09 7.37
N TYR A 7 -9.55 -3.54 6.98
CA TYR A 7 -9.64 -4.53 5.89
C TYR A 7 -9.54 -3.91 4.52
N THR A 8 -9.60 -2.60 4.40
CA THR A 8 -9.57 -1.93 3.11
C THR A 8 -8.22 -1.24 2.83
N SER A 9 -7.46 -0.93 3.87
CA SER A 9 -6.27 -0.08 3.65
C SER A 9 -5.19 -0.77 2.86
N PRO A 10 -4.65 -0.15 1.82
CA PRO A 10 -3.57 -0.79 1.07
C PRO A 10 -2.22 -0.71 1.78
N PHE A 11 -2.06 0.29 2.67
CA PHE A 11 -0.87 0.37 3.48
C PHE A 11 -0.76 -0.81 4.42
N VAL A 12 -1.89 -1.22 4.99
CA VAL A 12 -2.02 -2.40 5.80
C VAL A 12 -1.83 -3.65 4.94
N ARG A 13 -2.48 -3.70 3.78
CA ARG A 13 -2.42 -4.88 2.95
C ARG A 13 -0.98 -5.22 2.58
N LYS A 14 -0.17 -4.20 2.27
CA LYS A 14 1.20 -4.41 1.93
C LYS A 14 1.92 -5.25 2.99
N LEU A 15 1.64 -4.93 4.26
CA LEU A 15 2.25 -5.61 5.38
C LEU A 15 1.66 -7.00 5.62
N SER A 16 0.33 -7.12 5.53
CA SER A 16 -0.29 -8.43 5.61
C SER A 16 0.36 -9.38 4.61
N ILE A 17 0.57 -8.91 3.38
CA ILE A 17 1.21 -9.72 2.33
C ILE A 17 2.63 -10.09 2.69
N LEU A 18 3.38 -9.11 3.17
N LEU A 18 3.48 -9.15 3.16
CA LEU A 18 4.75 -9.39 3.55
CA LEU A 18 4.83 -9.49 3.57
C LEU A 18 4.82 -10.50 4.60
C LEU A 18 4.81 -10.63 4.61
N LEU A 19 3.97 -10.46 5.61
CA LEU A 19 3.91 -11.45 6.67
C LEU A 19 3.45 -12.79 6.17
N LEU A 20 2.43 -12.83 5.34
CA LEU A 20 1.93 -14.05 4.77
C LEU A 20 2.98 -14.73 3.89
N GLU A 21 3.66 -13.95 3.04
CA GLU A 21 4.68 -14.49 2.20
C GLU A 21 5.77 -15.18 2.99
N LYS A 22 6.14 -14.59 4.12
CA LYS A 22 7.23 -15.06 4.97
C LYS A 22 6.75 -16.14 5.94
N GLY A 23 5.47 -16.45 5.97
CA GLY A 23 4.94 -17.45 6.87
C GLY A 23 5.05 -17.04 8.34
N ILE A 24 4.97 -15.76 8.61
CA ILE A 24 5.11 -15.21 9.94
C ILE A 24 3.71 -15.13 10.57
N THR A 25 3.51 -15.77 11.70
CA THR A 25 2.26 -15.78 12.45
C THR A 25 1.99 -14.43 13.08
N PHE A 26 0.76 -13.93 12.88
CA PHE A 26 0.39 -12.64 13.54
C PHE A 26 -1.13 -12.65 13.76
N GLU A 27 -1.53 -11.79 14.71
CA GLU A 27 -2.93 -11.54 14.93
C GLU A 27 -3.27 -10.17 14.36
N PHE A 28 -4.38 -10.13 13.66
CA PHE A 28 -4.90 -8.90 13.11
C PHE A 28 -5.87 -8.24 14.09
N ILE A 29 -5.69 -6.96 14.34
CA ILE A 29 -6.54 -6.17 15.20
C ILE A 29 -7.25 -5.13 14.32
N ASN A 30 -8.53 -5.33 14.09
CA ASN A 30 -9.26 -4.50 13.15
C ASN A 30 -9.68 -3.19 13.78
N GLU A 31 -9.48 -2.09 13.04
CA GLU A 31 -9.80 -0.76 13.46
C GLU A 31 -10.41 0.03 12.30
N LEU A 32 -11.14 1.10 12.63
CA LEU A 32 -11.77 1.99 11.69
C LEU A 32 -11.28 3.39 11.96
N PRO A 33 -10.13 3.79 11.37
CA PRO A 33 -9.45 5.00 11.82
C PRO A 33 -10.20 6.28 11.53
N TYR A 34 -11.19 6.25 10.62
CA TYR A 34 -12.01 7.44 10.34
C TYR A 34 -13.26 7.47 11.16
N ASN A 35 -13.57 6.47 11.98
N ASN A 35 -13.52 6.37 11.88
CA ASN A 35 -14.72 6.75 12.91
CA ASN A 35 -14.63 6.32 12.86
C ASN A 35 -14.26 7.67 14.06
C ASN A 35 -14.21 7.17 14.10
N ALA A 36 -15.14 8.42 14.72
N ALA A 36 -14.98 8.22 14.36
CA ALA A 36 -14.75 9.19 15.91
CA ALA A 36 -14.81 9.30 15.31
C ALA A 36 -14.34 8.31 17.09
C ALA A 36 -14.25 8.77 16.64
N ASP A 37 -15.02 7.21 17.36
N ASP A 37 -14.66 7.60 17.02
CA ASP A 37 -14.54 6.32 18.40
CA ASP A 37 -14.49 6.65 18.09
C ASP A 37 -13.84 5.22 17.59
C ASP A 37 -13.88 5.29 17.73
N ASN A 38 -12.59 5.07 17.93
CA ASN A 38 -11.82 3.90 17.37
C ASN A 38 -10.73 3.51 18.34
N GLY A 39 -9.94 2.47 18.17
CA GLY A 39 -8.92 2.12 19.10
C GLY A 39 -7.49 2.30 18.58
N VAL A 40 -7.30 3.15 17.57
CA VAL A 40 -5.99 3.24 16.96
C VAL A 40 -5.01 4.03 17.83
N ALA A 41 -5.49 5.06 18.54
CA ALA A 41 -4.59 5.96 19.27
C ALA A 41 -3.78 5.31 20.35
N GLN A 42 -4.27 4.17 20.89
CA GLN A 42 -3.42 3.50 21.93
C GLN A 42 -2.17 2.89 21.30
N PHE A 43 -2.19 2.73 19.98
CA PHE A 43 -1.07 2.16 19.28
C PHE A 43 -0.23 3.20 18.52
N ASN A 44 -0.85 4.24 18.06
CA ASN A 44 -0.19 5.28 17.24
C ASN A 44 -0.86 6.60 17.50
N PRO A 45 -0.17 7.57 18.07
CA PRO A 45 -0.82 8.85 18.37
C PRO A 45 -1.28 9.58 17.12
N LEU A 46 -0.70 9.26 15.94
CA LEU A 46 -1.17 9.83 14.69
C LEU A 46 -2.54 9.32 14.31
N GLY A 47 -3.04 8.26 14.93
CA GLY A 47 -4.36 7.75 14.63
C GLY A 47 -4.45 7.10 13.27
N LYS A 48 -3.35 6.58 12.75
CA LYS A 48 -3.34 5.90 11.46
C LYS A 48 -2.93 4.45 11.60
N VAL A 49 -3.47 3.66 10.68
CA VAL A 49 -3.05 2.29 10.49
C VAL A 49 -2.26 2.18 9.20
N PRO A 50 -1.32 1.24 9.09
CA PRO A 50 -1.03 0.16 10.03
C PRO A 50 -0.16 0.57 11.19
N VAL A 51 -0.23 -0.28 12.23
CA VAL A 51 0.72 -0.31 13.36
C VAL A 51 1.10 -1.76 13.57
N LEU A 52 2.37 -2.03 13.86
CA LEU A 52 2.81 -3.37 14.27
C LEU A 52 3.17 -3.32 15.75
N VAL A 53 2.66 -4.25 16.54
CA VAL A 53 2.91 -4.30 17.96
C VAL A 53 3.75 -5.58 18.19
N THR A 54 4.93 -5.39 18.76
CA THR A 54 5.77 -6.57 18.98
C THR A 54 5.31 -7.36 20.20
N GLU A 55 5.90 -8.51 20.49
CA GLU A 55 5.50 -9.27 21.69
C GLU A 55 6.06 -8.62 22.96
N GLU A 56 6.73 -7.47 23.00
CA GLU A 56 7.10 -6.63 24.16
C GLU A 56 6.29 -5.35 24.33
N GLY A 57 5.34 -4.99 23.47
CA GLY A 57 4.53 -3.77 23.50
C GLY A 57 5.00 -2.56 22.68
N GLU A 58 6.11 -2.71 21.99
CA GLU A 58 6.60 -1.65 21.12
C GLU A 58 5.72 -1.55 19.88
N CYS A 59 5.35 -0.30 19.57
CA CYS A 59 4.49 -0.02 18.46
C CYS A 59 5.29 0.64 17.33
N TRP A 60 5.24 0.03 16.17
CA TRP A 60 5.97 0.48 14.98
C TRP A 60 5.00 1.07 13.98
N PHE A 61 5.40 2.18 13.36
CA PHE A 61 4.67 2.87 12.30
C PHE A 61 5.71 3.76 11.66
N ASP A 62 5.41 4.34 10.49
CA ASP A 62 4.34 4.05 9.56
C ASP A 62 4.69 2.84 8.69
N SER A 63 3.90 2.57 7.62
CA SER A 63 4.05 1.33 6.90
C SER A 63 5.42 1.07 6.34
N PRO A 64 6.18 2.00 5.76
CA PRO A 64 7.51 1.65 5.27
C PRO A 64 8.42 1.22 6.40
N ILE A 65 8.31 1.82 7.58
CA ILE A 65 9.12 1.46 8.73
C ILE A 65 8.79 0.05 9.18
N ILE A 66 7.49 -0.26 9.23
CA ILE A 66 7.09 -1.61 9.60
C ILE A 66 7.64 -2.64 8.61
N ALA A 67 7.58 -2.33 7.34
CA ALA A 67 8.07 -3.27 6.32
C ALA A 67 9.58 -3.51 6.54
N GLU A 68 10.31 -2.45 6.84
N GLU A 68 10.34 -2.47 6.84
CA GLU A 68 11.72 -2.54 7.16
CA GLU A 68 11.75 -2.67 7.14
C GLU A 68 11.98 -3.35 8.42
C GLU A 68 11.96 -3.48 8.41
N TYR A 69 11.15 -3.22 9.44
CA TYR A 69 11.26 -4.03 10.66
C TYR A 69 11.11 -5.49 10.33
N ILE A 70 10.07 -5.82 9.56
CA ILE A 70 9.82 -7.22 9.17
C ILE A 70 11.02 -7.75 8.41
N GLU A 71 11.56 -6.95 7.49
N GLU A 71 11.58 -6.96 7.50
CA GLU A 71 12.71 -7.39 6.70
CA GLU A 71 12.72 -7.40 6.70
C GLU A 71 13.91 -7.69 7.57
C GLU A 71 14.00 -7.49 7.49
N LEU A 72 14.10 -6.95 8.62
N LEU A 72 14.08 -6.94 8.68
CA LEU A 72 15.20 -7.11 9.55
CA LEU A 72 15.32 -7.08 9.46
C LEU A 72 15.09 -8.44 10.28
C LEU A 72 15.43 -8.48 9.99
N MET A 73 13.86 -8.95 10.41
N MET A 73 14.25 -9.05 10.02
CA MET A 73 13.72 -10.26 11.05
CA MET A 73 13.99 -10.13 10.83
C MET A 73 14.52 -11.19 10.15
C MET A 73 14.46 -11.35 10.10
N ASN A 74 14.91 -11.17 8.89
CA ASN A 74 15.72 -12.11 8.15
C ASN A 74 15.02 -13.42 7.95
N VAL A 75 13.78 -13.54 7.55
CA VAL A 75 12.95 -14.70 7.20
C VAL A 75 12.61 -14.81 5.70
N ALA A 76 12.82 -15.93 5.02
CA ALA A 76 12.58 -16.04 3.58
C ALA A 76 11.10 -15.92 3.25
N PRO A 77 10.73 -15.39 2.09
CA PRO A 77 11.64 -14.83 1.08
C PRO A 77 12.02 -13.41 1.42
N ALA A 78 13.24 -13.06 1.11
CA ALA A 78 13.71 -11.66 1.24
C ALA A 78 12.91 -10.80 0.26
N MET A 79 12.48 -9.65 0.70
CA MET A 79 11.74 -8.68 -0.09
C MET A 79 12.53 -7.39 -0.31
N LEU A 80 13.72 -7.30 0.21
CA LEU A 80 14.66 -6.24 -0.10
C LEU A 80 16.04 -6.89 -0.41
N PRO A 81 16.79 -6.27 -1.32
CA PRO A 81 18.17 -6.71 -1.58
C PRO A 81 19.03 -6.34 -0.37
N ARG A 82 20.19 -7.00 -0.21
CA ARG A 82 21.06 -6.76 0.91
C ARG A 82 21.87 -5.48 0.78
N ASP A 83 22.22 -5.12 -0.44
CA ASP A 83 23.04 -3.97 -0.66
C ASP A 83 22.32 -2.68 -0.22
N PRO A 84 22.95 -1.84 0.60
CA PRO A 84 22.22 -0.67 1.08
C PRO A 84 21.63 0.25 0.00
N LEU A 85 22.41 0.57 -1.03
CA LEU A 85 21.89 1.49 -2.03
C LEU A 85 20.78 0.83 -2.84
N GLU A 86 20.93 -0.43 -3.24
N GLU A 86 20.96 -0.42 -3.20
CA GLU A 86 19.85 -1.04 -4.01
CA GLU A 86 19.96 -1.18 -3.93
C GLU A 86 18.62 -1.21 -3.13
C GLU A 86 18.65 -1.25 -3.14
N SER A 87 18.77 -1.50 -1.83
CA SER A 87 17.62 -1.55 -0.95
C SER A 87 16.91 -0.22 -0.92
N LEU A 88 17.66 0.87 -0.80
CA LEU A 88 17.07 2.19 -0.80
C LEU A 88 16.37 2.47 -2.12
N ARG A 89 16.90 2.05 -3.24
CA ARG A 89 16.22 2.26 -4.51
C ARG A 89 14.90 1.52 -4.55
N VAL A 90 14.85 0.27 -4.05
CA VAL A 90 13.55 -0.43 -3.94
C VAL A 90 12.61 0.34 -3.09
N ARG A 91 13.10 0.91 -2.00
N ARG A 91 13.06 0.87 -1.96
CA ARG A 91 12.19 1.63 -1.11
CA ARG A 91 12.24 1.66 -1.05
C ARG A 91 11.79 3.02 -1.62
C ARG A 91 11.81 3.01 -1.63
N LYS A 92 12.55 3.58 -2.56
CA LYS A 92 12.09 4.76 -3.29
C LYS A 92 10.88 4.40 -4.13
N ILE A 93 10.94 3.24 -4.80
CA ILE A 93 9.79 2.79 -5.59
C ILE A 93 8.61 2.47 -4.68
N GLU A 94 8.87 1.88 -3.51
CA GLU A 94 7.81 1.70 -2.53
C GLU A 94 7.19 3.05 -2.16
N ALA A 95 8.00 4.09 -1.97
CA ALA A 95 7.48 5.42 -1.65
C ALA A 95 6.61 5.95 -2.77
N LEU A 96 6.97 5.68 -4.03
CA LEU A 96 6.11 6.06 -5.16
C LEU A 96 4.76 5.37 -5.06
N ALA A 97 4.78 4.03 -4.84
CA ALA A 97 3.54 3.29 -4.72
C ALA A 97 2.71 3.78 -3.54
N ASP A 98 3.37 4.04 -2.39
CA ASP A 98 2.68 4.57 -1.26
C ASP A 98 2.05 5.92 -1.57
N GLY A 99 2.72 6.73 -2.39
CA GLY A 99 2.15 7.99 -2.82
C GLY A 99 0.95 7.84 -3.71
N ILE A 100 0.90 6.80 -4.53
CA ILE A 100 -0.31 6.49 -5.26
C ILE A 100 -1.44 6.17 -4.33
N MET A 101 -1.15 5.30 -3.30
N MET A 101 -1.12 5.37 -3.31
CA MET A 101 -2.15 5.05 -2.27
CA MET A 101 -2.06 5.02 -2.23
C MET A 101 -2.61 6.35 -1.61
C MET A 101 -2.55 6.26 -1.52
N ASP A 102 -1.67 7.20 -1.24
CA ASP A 102 -2.02 8.46 -0.58
C ASP A 102 -3.01 9.25 -1.44
N ALA A 103 -2.72 9.35 -2.75
CA ALA A 103 -3.57 10.16 -3.65
C ALA A 103 -4.94 9.51 -3.83
N GLY A 104 -4.96 8.20 -3.89
CA GLY A 104 -6.23 7.48 -3.93
C GLY A 104 -7.06 7.74 -2.69
N LEU A 105 -6.41 7.67 -1.53
CA LEU A 105 -7.08 7.89 -0.25
C LEU A 105 -7.60 9.33 -0.14
N VAL A 106 -6.80 10.33 -0.51
CA VAL A 106 -7.26 11.69 -0.49
C VAL A 106 -8.51 11.82 -1.33
N SER A 107 -8.51 11.18 -2.50
CA SER A 107 -9.66 11.24 -3.41
C SER A 107 -10.92 10.67 -2.76
N VAL A 108 -10.75 9.50 -2.14
CA VAL A 108 -11.88 8.84 -1.48
C VAL A 108 -12.38 9.67 -0.30
N ARG A 109 -11.48 10.22 0.50
CA ARG A 109 -11.87 11.03 1.62
C ARG A 109 -12.55 12.32 1.17
N GLU A 110 -12.12 12.89 0.06
CA GLU A 110 -12.74 14.08 -0.51
C GLU A 110 -14.18 13.79 -0.83
N GLN A 111 -14.41 12.64 -1.48
CA GLN A 111 -15.74 12.24 -1.90
C GLN A 111 -16.62 11.84 -0.71
N ALA A 112 -16.06 11.60 0.47
CA ALA A 112 -16.81 11.31 1.69
C ALA A 112 -17.30 12.56 2.36
N ARG A 113 -16.75 13.74 2.05
N ARG A 113 -16.79 13.72 1.98
CA ARG A 113 -17.19 15.00 2.67
CA ARG A 113 -17.27 14.99 2.50
C ARG A 113 -18.56 15.37 2.13
C ARG A 113 -18.69 15.29 2.08
N PRO A 114 -19.37 16.14 2.83
CA PRO A 114 -20.67 16.61 2.32
C PRO A 114 -20.44 17.26 0.96
N ALA A 115 -21.45 17.17 0.10
CA ALA A 115 -21.36 17.58 -1.30
C ALA A 115 -20.89 19.02 -1.41
N ALA A 116 -21.47 19.90 -0.59
CA ALA A 116 -21.15 21.30 -0.73
C ALA A 116 -19.75 21.60 -0.22
N GLN A 117 -19.09 20.62 0.40
N GLN A 117 -19.10 20.61 0.37
CA GLN A 117 -17.76 20.84 0.98
CA GLN A 117 -17.82 20.78 0.99
C GLN A 117 -16.63 20.31 0.09
C GLN A 117 -16.69 20.12 0.21
N GLN A 118 -17.04 19.64 -0.99
CA GLN A 118 -16.08 18.97 -1.86
C GLN A 118 -15.43 19.97 -2.81
N SER A 119 -14.15 19.68 -3.09
CA SER A 119 -13.34 20.36 -4.07
C SER A 119 -13.08 19.51 -5.33
N GLU A 120 -13.67 19.87 -6.45
CA GLU A 120 -13.41 19.15 -7.70
C GLU A 120 -11.95 19.39 -8.04
N ASP A 121 -11.38 20.57 -7.74
CA ASP A 121 -9.99 20.83 -8.05
C ASP A 121 -9.08 19.82 -7.33
N GLU A 122 -9.35 19.53 -6.07
N GLU A 122 -9.41 19.57 -6.07
CA GLU A 122 -8.52 18.56 -5.36
CA GLU A 122 -8.65 18.59 -5.32
C GLU A 122 -8.64 17.19 -6.00
C GLU A 122 -8.67 17.22 -5.98
N LEU A 123 -9.85 16.79 -6.39
CA LEU A 123 -9.99 15.49 -7.08
C LEU A 123 -9.16 15.42 -8.34
N LEU A 124 -9.18 16.52 -9.11
CA LEU A 124 -8.44 16.52 -10.34
C LEU A 124 -6.95 16.43 -10.09
N ARG A 125 -6.44 17.15 -9.10
N ARG A 125 -6.48 17.22 -9.12
CA ARG A 125 -4.98 17.18 -8.95
CA ARG A 125 -5.09 17.26 -8.73
C ARG A 125 -4.52 15.84 -8.37
C ARG A 125 -4.57 15.85 -8.41
N GLN A 126 -5.34 15.15 -7.57
CA GLN A 126 -4.95 13.82 -7.12
C GLN A 126 -4.94 12.84 -8.25
N ARG A 127 -5.92 12.92 -9.18
CA ARG A 127 -5.97 12.04 -10.30
C ARG A 127 -4.74 12.23 -11.18
N GLU A 128 -4.31 13.50 -11.32
CA GLU A 128 -3.10 13.74 -12.13
C GLU A 128 -1.86 13.15 -11.48
N LYS A 129 -1.71 13.27 -10.15
CA LYS A 129 -0.62 12.62 -9.47
C LYS A 129 -0.59 11.12 -9.76
N ILE A 130 -1.75 10.50 -9.73
CA ILE A 130 -1.86 9.08 -9.98
C ILE A 130 -1.39 8.74 -11.39
N ASN A 131 -1.95 9.48 -12.37
CA ASN A 131 -1.56 9.13 -13.75
C ASN A 131 -0.11 9.33 -14.05
N ARG A 132 0.45 10.45 -13.53
CA ARG A 132 1.86 10.66 -13.75
C ARG A 132 2.71 9.52 -13.12
N SER A 133 2.27 9.09 -11.95
CA SER A 133 3.00 8.06 -11.21
C SER A 133 2.90 6.70 -11.87
N LEU A 134 1.70 6.36 -12.38
CA LEU A 134 1.55 5.14 -13.15
C LEU A 134 2.42 5.16 -14.39
N ASP A 135 2.56 6.32 -15.03
CA ASP A 135 3.45 6.45 -16.19
C ASP A 135 4.86 6.18 -15.80
N VAL A 136 5.34 6.68 -14.65
CA VAL A 136 6.70 6.42 -14.22
C VAL A 136 6.89 4.93 -13.97
N LEU A 137 5.90 4.26 -13.35
CA LEU A 137 5.99 2.83 -13.14
C LEU A 137 6.09 2.04 -14.45
N GLU A 138 5.26 2.40 -15.42
CA GLU A 138 5.35 1.74 -16.74
C GLU A 138 6.71 1.96 -17.30
N GLY A 139 7.28 3.17 -17.18
CA GLY A 139 8.61 3.46 -17.69
C GLY A 139 9.68 2.59 -17.02
N TYR A 140 9.57 2.37 -15.69
CA TYR A 140 10.53 1.51 -15.02
C TYR A 140 10.54 0.11 -15.66
N LEU A 141 9.33 -0.37 -15.97
CA LEU A 141 9.19 -1.72 -16.59
C LEU A 141 9.68 -1.74 -18.02
N VAL A 142 9.47 -0.68 -18.78
CA VAL A 142 10.08 -0.61 -20.12
C VAL A 142 11.60 -0.63 -20.01
N ASP A 143 12.14 0.08 -19.05
CA ASP A 143 13.58 0.23 -18.95
C ASP A 143 14.28 -0.96 -18.34
N GLY A 144 13.55 -1.82 -17.64
CA GLY A 144 14.11 -2.92 -16.91
C GLY A 144 14.52 -2.60 -15.47
N THR A 145 14.26 -1.39 -15.01
CA THR A 145 14.40 -1.01 -13.59
C THR A 145 13.57 -1.90 -12.71
N LEU A 146 12.38 -2.22 -13.21
CA LEU A 146 11.52 -3.28 -12.67
C LEU A 146 11.29 -4.31 -13.80
N LYS A 147 10.99 -5.54 -13.45
CA LYS A 147 10.57 -6.59 -14.33
C LYS A 147 9.16 -7.04 -13.95
N THR A 148 8.47 -7.59 -14.90
CA THR A 148 7.11 -8.01 -14.62
C THR A 148 7.05 -9.20 -13.68
N ASP A 149 8.15 -9.96 -13.54
CA ASP A 149 8.23 -11.06 -12.60
C ASP A 149 8.94 -10.68 -11.31
N THR A 150 9.23 -9.40 -11.04
CA THR A 150 9.82 -8.97 -9.81
C THR A 150 8.83 -9.09 -8.66
N VAL A 151 9.24 -9.77 -7.58
CA VAL A 151 8.45 -9.85 -6.38
C VAL A 151 9.31 -9.30 -5.25
N ASN A 152 9.09 -8.05 -4.87
CA ASN A 152 9.84 -7.43 -3.78
C ASN A 152 8.93 -6.42 -3.11
N LEU A 153 9.48 -5.71 -2.12
CA LEU A 153 8.63 -4.80 -1.36
C LEU A 153 8.00 -3.75 -2.27
N ALA A 154 8.78 -3.25 -3.25
CA ALA A 154 8.26 -2.26 -4.16
C ALA A 154 7.11 -2.81 -4.98
N THR A 155 7.26 -3.98 -5.58
CA THR A 155 6.21 -4.47 -6.45
C THR A 155 4.96 -4.91 -5.67
N ILE A 156 5.15 -5.46 -4.46
CA ILE A 156 4.02 -5.69 -3.58
C ILE A 156 3.25 -4.37 -3.38
N ALA A 157 3.98 -3.30 -3.04
CA ALA A 157 3.36 -2.02 -2.82
C ALA A 157 2.63 -1.52 -4.07
N ILE A 158 3.26 -1.68 -5.24
CA ILE A 158 2.62 -1.25 -6.49
C ILE A 158 1.30 -1.98 -6.68
N ALA A 159 1.30 -3.30 -6.52
CA ALA A 159 0.07 -4.05 -6.74
C ALA A 159 -0.98 -3.72 -5.69
N CYS A 160 -0.58 -3.47 -4.43
CA CYS A 160 -1.53 -3.01 -3.44
C CYS A 160 -2.14 -1.66 -3.85
N ALA A 161 -1.31 -0.77 -4.37
CA ALA A 161 -1.81 0.55 -4.80
C ALA A 161 -2.83 0.38 -5.92
N VAL A 162 -2.49 -0.42 -6.94
CA VAL A 162 -3.42 -0.61 -8.07
C VAL A 162 -4.68 -1.33 -7.60
N GLY A 163 -4.54 -2.31 -6.75
CA GLY A 163 -5.71 -3.00 -6.22
C GLY A 163 -6.65 -2.00 -5.52
N TYR A 164 -6.09 -1.04 -4.79
CA TYR A 164 -6.87 -0.03 -4.12
C TYR A 164 -7.56 0.90 -5.11
N LEU A 165 -6.85 1.34 -6.13
CA LEU A 165 -7.44 2.16 -7.18
C LEU A 165 -8.67 1.42 -7.76
N ASN A 166 -8.51 0.16 -8.05
CA ASN A 166 -9.61 -0.61 -8.63
C ASN A 166 -10.76 -0.68 -7.66
N PHE A 167 -10.47 -1.02 -6.40
CA PHE A 167 -11.48 -1.18 -5.36
C PHE A 167 -12.31 0.07 -5.16
N ARG A 168 -11.64 1.21 -5.09
CA ARG A 168 -12.27 2.51 -4.89
C ARG A 168 -12.74 3.18 -6.18
N ARG A 169 -12.48 2.59 -7.33
CA ARG A 169 -12.89 3.12 -8.60
C ARG A 169 -12.26 4.48 -8.89
N VAL A 170 -10.99 4.70 -8.58
N VAL A 170 -11.02 4.65 -8.47
CA VAL A 170 -10.39 6.02 -8.57
CA VAL A 170 -10.20 5.79 -8.84
C VAL A 170 -9.73 6.42 -9.88
C VAL A 170 -9.29 5.43 -9.98
N ALA A 171 -9.20 5.48 -10.62
N ALA A 171 -9.15 6.36 -10.93
CA ALA A 171 -8.41 5.81 -11.81
CA ALA A 171 -8.31 6.13 -12.10
C ALA A 171 -8.65 4.72 -12.84
C ALA A 171 -8.65 4.84 -12.82
N PRO A 172 -9.88 4.72 -13.32
CA PRO A 172 -10.33 3.54 -14.10
C PRO A 172 -9.47 3.29 -15.34
N GLY A 173 -8.73 4.22 -15.86
CA GLY A 173 -7.87 3.98 -17.01
C GLY A 173 -6.45 3.65 -16.62
N TRP A 174 -6.18 3.19 -15.43
CA TRP A 174 -4.85 2.89 -15.01
C TRP A 174 -4.19 1.89 -16.01
N VAL A 176 -4.81 1.49 -19.25
CA VAL A 176 -4.84 1.86 -20.65
C VAL A 176 -3.43 2.25 -21.10
N ASP A 177 -2.83 1.67 -22.11
N ASP A 177 -2.96 1.57 -22.11
CA ASP A 177 -1.49 2.12 -22.55
CA ASP A 177 -1.62 1.75 -22.66
C ASP A 177 -0.42 1.73 -21.55
C ASP A 177 -0.52 1.69 -21.60
N ARG A 178 -0.68 0.86 -20.58
CA ARG A 178 0.36 0.49 -19.59
C ARG A 178 0.45 -1.00 -19.48
N PRO A 179 0.75 -1.68 -20.57
CA PRO A 179 0.64 -3.14 -20.59
C PRO A 179 1.66 -3.82 -19.70
N HIS A 180 2.84 -3.26 -19.46
CA HIS A 180 3.79 -3.91 -18.56
C HIS A 180 3.28 -3.87 -17.14
N LEU A 181 2.70 -2.71 -16.75
N LEU A 181 2.71 -2.73 -16.73
CA LEU A 181 2.15 -2.53 -15.45
CA LEU A 181 2.21 -2.66 -15.36
C LEU A 181 1.02 -3.55 -15.20
C LEU A 181 1.02 -3.60 -15.18
N VAL A 182 0.14 -3.69 -16.19
CA VAL A 182 -0.90 -4.70 -16.10
C VAL A 182 -0.35 -6.07 -15.82
N LYS A 183 0.70 -6.45 -16.61
CA LYS A 183 1.27 -7.78 -16.41
C LYS A 183 1.87 -7.94 -15.02
N LEU A 184 2.61 -6.94 -14.56
CA LEU A 184 3.20 -7.01 -13.23
C LEU A 184 2.13 -7.22 -12.18
N VAL A 185 1.07 -6.40 -12.16
N VAL A 185 1.11 -6.39 -12.26
CA VAL A 185 0.10 -6.53 -11.07
CA VAL A 185 0.04 -6.38 -11.27
C VAL A 185 -0.70 -7.84 -11.25
C VAL A 185 -0.70 -7.72 -11.30
N GLU A 186 -0.99 -8.26 -12.46
CA GLU A 186 -1.69 -9.54 -12.60
C GLU A 186 -0.84 -10.66 -12.04
N ASN A 187 0.47 -10.62 -12.27
CA ASN A 187 1.36 -11.63 -11.72
C ASN A 187 1.29 -11.63 -10.18
N LEU A 188 1.24 -10.48 -9.59
CA LEU A 188 1.17 -10.38 -8.10
C LEU A 188 -0.20 -10.80 -7.59
N PHE A 189 -1.26 -10.38 -8.25
CA PHE A 189 -2.61 -10.71 -7.84
C PHE A 189 -2.88 -12.22 -7.85
N SER A 190 -2.14 -12.96 -8.65
CA SER A 190 -2.26 -14.41 -8.73
C SER A 190 -1.69 -15.11 -7.52
N ARG A 191 -0.96 -14.42 -6.65
CA ARG A 191 -0.37 -15.05 -5.48
C ARG A 191 -1.39 -15.23 -4.37
N GLU A 192 -1.27 -16.30 -3.62
CA GLU A 192 -2.18 -16.57 -2.50
C GLU A 192 -2.22 -15.42 -1.53
N SER A 193 -1.08 -14.79 -1.27
CA SER A 193 -1.09 -13.70 -0.29
C SER A 193 -2.00 -12.58 -0.70
N PHE A 194 -2.08 -12.26 -2.01
CA PHE A 194 -3.04 -11.28 -2.52
C PHE A 194 -4.47 -11.81 -2.44
N ALA A 195 -4.64 -13.08 -2.82
CA ALA A 195 -6.01 -13.67 -2.80
C ALA A 195 -6.62 -13.59 -1.42
N ARG A 196 -5.80 -13.74 -0.37
CA ARG A 196 -6.31 -13.81 0.99
C ARG A 196 -6.48 -12.47 1.66
N THR A 197 -6.13 -11.38 0.98
CA THR A 197 -6.14 -10.06 1.57
C THR A 197 -6.95 -9.07 0.74
N GLU A 198 -7.89 -9.54 -0.08
N GLU A 198 -7.95 -9.57 0.01
CA GLU A 198 -8.66 -8.63 -0.92
CA GLU A 198 -8.81 -8.75 -0.82
C GLU A 198 -9.57 -7.80 -0.03
C GLU A 198 -9.66 -7.80 0.01
N PRO A 199 -9.81 -6.55 -0.39
CA PRO A 199 -10.73 -5.68 0.35
C PRO A 199 -12.18 -6.15 0.23
N PRO A 200 -12.97 -6.04 1.28
CA PRO A 200 -14.37 -6.48 1.19
C PRO A 200 -15.17 -5.53 0.32
N LYS A 201 -16.05 -6.14 -0.49
CA LYS A 201 -16.89 -5.42 -1.44
C LYS A 201 -18.30 -5.94 -1.29
N ALA A 202 -19.28 -5.21 -1.06
CA ALA A 202 -20.70 -5.58 -1.18
C ALA A 202 -21.22 -5.82 -2.58
#